data_6XW2
#
_entry.id   6XW2
#
_cell.length_a   61.900
_cell.length_b   65.700
_cell.length_c   93.020
_cell.angle_alpha   90.000
_cell.angle_beta   90.000
_cell.angle_gamma   90.000
#
_symmetry.space_group_name_H-M   'P 21 21 21'
#
loop_
_entity.id
_entity.type
_entity.pdbx_description
1 polymer 'Genetically encoded calcium indicator NCaMP7 based on mNeonGreen fluorescent protein'
2 non-polymer 'SULFATE ION'
3 non-polymer 'CALCIUM ION'
4 water water
#
_entity_poly.entity_id   1
_entity_poly.type   'polypeptide(L)'
_entity_poly.pdbx_seq_one_letter_code
;MGGSHHHHHHGMASMTGGQQMGRDLYDDDDKENLYFQGHMRSMVSKGEEENMASLPATHELHIFGSINGIDFDMVGQGTG
NPNDGYEELNLKSTMGDLQFSPWILVPHI(CR2)FHQYLPYPDGMSPFQAAMVDGSGYQVHRTMQFEDGASLTVNYRYTY
EGSHIKGEAQVEGTGFPADGPVMTNSLTAEAHDQLTEEQIAEFKEAFSLFDKDGDGTITTKELGTVMRSLGQNPTEAELR
VMIIEVDADGDGTLDFPEFLAMMARKMKYRDTEEEIREAFGVFDKDGNGYIGAAELRHVMTNLGEKLTDEEVGELIREAD
IDGDGQVNYEEFVQMMTAKGGSGGGSSSRRKWNKAGHAVRAIGRLSSMYFADWCVSKKTCPNDKTIVSTFKWAFITDNGK
RYRSTARTTYTFAKPMAANYLKNQPMYVFRKTELKHSKTELNFKEWQKAFTDVMGMDELYK
;
_entity_poly.pdbx_strand_id   A
#
# COMPACT_ATOMS: atom_id res chain seq x y z
N ALA A 53 23.54 10.91 -23.79
CA ALA A 53 23.14 9.48 -23.62
C ALA A 53 21.86 9.18 -24.42
N SER A 54 21.41 7.94 -24.35
CA SER A 54 20.14 7.52 -24.98
C SER A 54 19.27 7.13 -23.79
N LEU A 55 18.05 6.69 -24.04
CA LEU A 55 17.22 6.10 -22.98
C LEU A 55 17.92 4.82 -22.49
N PRO A 56 17.78 4.46 -21.20
CA PRO A 56 18.52 3.35 -20.65
C PRO A 56 18.01 1.97 -21.10
N ALA A 57 18.92 1.03 -21.14
CA ALA A 57 18.63 -0.40 -21.35
C ALA A 57 19.27 -1.23 -20.24
N THR A 58 20.44 -0.84 -19.72
CA THR A 58 21.18 -1.63 -18.70
C THR A 58 21.66 -0.69 -17.60
N HIS A 59 21.78 -1.22 -16.39
CA HIS A 59 22.22 -0.43 -15.24
C HIS A 59 23.01 -1.31 -14.29
N GLU A 60 23.80 -0.63 -13.47
CA GLU A 60 24.59 -1.24 -12.41
C GLU A 60 24.42 -0.38 -11.19
N LEU A 61 24.53 -1.02 -10.05
CA LEU A 61 24.41 -0.30 -8.75
C LEU A 61 25.50 -0.77 -7.81
N HIS A 62 26.19 0.19 -7.24
CA HIS A 62 26.99 -0.02 -6.02
C HIS A 62 26.25 0.64 -4.88
N ILE A 63 25.73 -0.13 -3.96
CA ILE A 63 24.98 0.38 -2.79
C ILE A 63 25.78 -0.05 -1.55
N PHE A 64 26.11 0.91 -0.71
CA PHE A 64 27.04 0.65 0.41
C PHE A 64 26.76 1.66 1.51
N GLY A 65 27.34 1.39 2.67
CA GLY A 65 27.28 2.31 3.81
C GLY A 65 27.22 1.54 5.09
N SER A 66 26.38 1.99 6.01
CA SER A 66 26.22 1.27 7.30
C SER A 66 24.82 1.40 7.84
N ILE A 67 24.42 0.40 8.62
CA ILE A 67 23.14 0.31 9.38
C ILE A 67 23.54 0.02 10.82
N ASN A 68 23.25 0.96 11.71
CA ASN A 68 23.62 0.87 13.15
C ASN A 68 25.14 0.65 13.26
N GLY A 69 25.93 1.26 12.39
CA GLY A 69 27.39 1.22 12.53
C GLY A 69 27.97 -0.04 11.96
N ILE A 70 27.17 -0.91 11.33
CA ILE A 70 27.67 -2.14 10.65
C ILE A 70 27.72 -1.89 9.15
N ASP A 71 28.90 -2.05 8.55
CA ASP A 71 29.16 -1.77 7.12
C ASP A 71 28.48 -2.83 6.24
N PHE A 72 27.94 -2.39 5.13
CA PHE A 72 27.46 -3.30 4.08
C PHE A 72 27.93 -2.74 2.75
N ASP A 73 27.93 -3.60 1.72
CA ASP A 73 28.41 -3.27 0.37
C ASP A 73 27.86 -4.30 -0.60
N MET A 74 27.06 -3.84 -1.55
CA MET A 74 26.52 -4.73 -2.59
C MET A 74 26.81 -4.13 -3.96
N VAL A 75 26.96 -5.03 -4.92
CA VAL A 75 27.16 -4.66 -6.33
C VAL A 75 26.14 -5.44 -7.14
N GLY A 76 25.63 -4.74 -8.14
CA GLY A 76 24.38 -5.15 -8.80
C GLY A 76 24.43 -4.91 -10.28
N GLN A 77 23.77 -5.80 -11.02
CA GLN A 77 23.65 -5.79 -12.48
C GLN A 77 22.16 -5.81 -12.83
N GLY A 78 21.67 -4.96 -13.74
CA GLY A 78 20.29 -5.10 -14.18
C GLY A 78 19.99 -4.50 -15.53
N THR A 79 18.70 -4.53 -15.84
CA THR A 79 18.13 -4.08 -17.10
C THR A 79 16.78 -3.45 -16.79
N GLY A 80 16.24 -2.76 -17.77
CA GLY A 80 14.83 -2.36 -17.71
C GLY A 80 14.35 -1.80 -19.03
N ASN A 81 13.13 -1.34 -19.02
CA ASN A 81 12.48 -0.85 -20.26
C ASN A 81 11.99 0.55 -19.98
N PRO A 82 12.66 1.58 -20.53
CA PRO A 82 12.26 2.95 -20.22
C PRO A 82 10.90 3.33 -20.79
N ASN A 83 10.37 2.50 -21.69
CA ASN A 83 9.04 2.68 -22.32
C ASN A 83 7.93 2.31 -21.36
N ASP A 84 8.20 1.56 -20.29
CA ASP A 84 7.10 1.16 -19.38
C ASP A 84 7.52 1.14 -17.91
N GLY A 85 8.73 1.55 -17.51
CA GLY A 85 9.07 1.61 -16.08
C GLY A 85 9.65 0.34 -15.51
N TYR A 86 9.79 -0.71 -16.30
CA TYR A 86 10.20 -2.02 -15.75
C TYR A 86 11.67 -1.96 -15.40
N GLU A 87 12.01 -2.51 -14.25
CA GLU A 87 13.44 -2.70 -13.86
C GLU A 87 13.63 -4.07 -13.27
N GLU A 88 14.81 -4.62 -13.44
CA GLU A 88 15.21 -5.79 -12.65
C GLU A 88 16.71 -5.67 -12.33
N LEU A 89 17.07 -6.13 -11.15
CA LEU A 89 18.44 -5.98 -10.63
C LEU A 89 18.79 -7.19 -9.79
N ASN A 90 19.99 -7.70 -9.97
CA ASN A 90 20.58 -8.77 -9.13
C ASN A 90 21.70 -8.09 -8.32
N LEU A 91 21.65 -8.20 -7.00
CA LEU A 91 22.69 -7.61 -6.14
C LEU A 91 23.36 -8.73 -5.36
N LYS A 92 24.67 -8.61 -5.21
CA LYS A 92 25.40 -9.52 -4.32
C LYS A 92 26.25 -8.73 -3.33
N SER A 93 26.30 -9.22 -2.11
CA SER A 93 27.12 -8.61 -1.05
C SER A 93 28.59 -8.85 -1.38
N THR A 94 29.42 -7.87 -1.15
CA THR A 94 30.90 -8.05 -1.27
C THR A 94 31.50 -8.23 0.12
N MET A 95 30.69 -8.20 1.20
CA MET A 95 31.17 -8.16 2.60
C MET A 95 30.41 -9.21 3.42
N GLY A 96 30.15 -10.36 2.83
CA GLY A 96 29.42 -11.49 3.45
C GLY A 96 27.98 -11.21 3.81
N ASP A 97 27.47 -11.90 4.85
CA ASP A 97 26.00 -11.99 5.11
C ASP A 97 25.46 -10.62 5.52
N LEU A 98 24.32 -10.22 4.97
CA LEU A 98 23.70 -8.95 5.42
C LEU A 98 23.25 -9.14 6.88
N GLN A 99 23.34 -8.08 7.69
CA GLN A 99 23.05 -8.13 9.15
C GLN A 99 21.75 -7.38 9.48
N PHE A 100 20.97 -7.01 8.47
CA PHE A 100 19.70 -6.30 8.65
C PHE A 100 18.76 -6.75 7.55
N SER A 101 17.48 -6.46 7.73
CA SER A 101 16.42 -6.70 6.71
C SER A 101 16.75 -5.95 5.42
N PRO A 102 16.95 -6.66 4.29
CA PRO A 102 17.12 -5.99 3.01
C PRO A 102 15.86 -5.25 2.52
N TRP A 103 14.73 -5.45 3.19
CA TRP A 103 13.48 -4.74 2.81
C TRP A 103 13.67 -3.22 2.90
N ILE A 104 14.47 -2.73 3.83
CA ILE A 104 14.66 -1.26 3.92
C ILE A 104 15.50 -0.76 2.74
N LEU A 105 16.17 -1.64 1.99
CA LEU A 105 16.92 -1.23 0.76
C LEU A 105 16.02 -1.15 -0.46
N VAL A 106 14.79 -1.65 -0.40
CA VAL A 106 13.98 -1.87 -1.63
C VAL A 106 13.70 -0.56 -2.35
N PRO A 107 13.30 0.56 -1.70
CA PRO A 107 13.11 1.79 -2.43
C PRO A 107 14.41 2.32 -3.03
N HIS A 108 15.55 1.97 -2.43
CA HIS A 108 16.84 2.54 -2.86
C HIS A 108 17.40 1.80 -4.08
N ILE A 109 17.11 0.53 -4.23
CA ILE A 109 17.76 -0.24 -5.32
C ILE A 109 16.93 -0.03 -6.59
N PHE A 111 15.97 4.06 -9.84
CA PHE A 111 16.56 4.38 -11.17
C PHE A 111 15.42 4.93 -12.03
N HIS A 112 15.03 6.16 -11.77
CA HIS A 112 13.84 6.74 -12.40
C HIS A 112 14.12 7.08 -13.85
N GLN A 113 15.34 6.88 -14.33
CA GLN A 113 15.68 7.00 -15.77
C GLN A 113 14.84 5.97 -16.55
N TYR A 114 14.33 4.94 -15.88
CA TYR A 114 13.49 3.94 -16.58
C TYR A 114 12.01 4.36 -16.58
N LEU A 115 11.66 5.40 -15.84
CA LEU A 115 10.23 5.78 -15.67
C LEU A 115 9.84 6.70 -16.84
N PRO A 116 8.87 6.30 -17.68
CA PRO A 116 8.27 7.23 -18.65
C PRO A 116 7.10 7.97 -17.98
N TYR A 117 6.75 9.09 -18.60
CA TYR A 117 5.48 9.79 -18.31
C TYR A 117 4.39 9.34 -19.30
N PRO A 118 3.12 9.73 -19.07
CA PRO A 118 2.04 9.26 -19.92
C PRO A 118 2.21 9.54 -21.42
N ASP A 119 2.75 10.72 -21.79
CA ASP A 119 2.80 11.19 -23.19
C ASP A 119 4.22 11.52 -23.61
N GLY A 120 5.20 11.04 -22.84
CA GLY A 120 6.60 11.26 -23.19
C GLY A 120 7.54 10.83 -22.07
N MET A 121 8.70 11.47 -22.03
CA MET A 121 9.75 11.12 -21.05
C MET A 121 9.37 11.73 -19.67
N SER A 122 9.79 11.09 -18.59
CA SER A 122 9.81 11.76 -17.27
C SER A 122 10.96 12.77 -17.29
N PRO A 123 10.96 13.73 -16.37
CA PRO A 123 12.11 14.61 -16.24
C PRO A 123 13.39 13.84 -15.95
N PHE A 124 13.30 12.72 -15.23
CA PHE A 124 14.49 11.90 -14.90
C PHE A 124 15.13 11.42 -16.20
N GLN A 125 14.31 10.89 -17.07
CA GLN A 125 14.74 10.39 -18.40
C GLN A 125 15.30 11.52 -19.26
N ALA A 126 14.61 12.66 -19.30
CA ALA A 126 15.01 13.80 -20.12
C ALA A 126 16.42 14.24 -19.69
N ALA A 127 16.69 14.25 -18.37
CA ALA A 127 17.96 14.70 -17.81
C ALA A 127 19.07 13.70 -18.17
N MET A 128 18.74 12.41 -18.30
CA MET A 128 19.74 11.41 -18.71
C MET A 128 20.02 11.65 -20.20
N VAL A 129 18.98 11.80 -21.00
CA VAL A 129 19.14 11.88 -22.48
C VAL A 129 19.98 13.13 -22.80
N ASP A 130 19.70 14.23 -22.10
CA ASP A 130 20.46 15.50 -22.16
C ASP A 130 21.93 15.27 -21.85
N GLY A 131 22.23 14.33 -20.93
CA GLY A 131 23.56 14.10 -20.34
C GLY A 131 23.73 14.82 -18.99
N SER A 132 23.07 15.96 -18.76
CA SER A 132 23.33 16.85 -17.58
C SER A 132 22.89 16.21 -16.25
N GLY A 133 21.81 15.46 -16.27
CA GLY A 133 21.49 14.54 -15.18
C GLY A 133 20.89 15.22 -13.97
N TYR A 134 20.83 14.46 -12.89
CA TYR A 134 20.28 14.92 -11.61
C TYR A 134 20.95 14.11 -10.49
N GLN A 135 20.87 14.71 -9.31
CA GLN A 135 21.33 14.11 -8.04
C GLN A 135 20.09 13.83 -7.20
N VAL A 136 20.22 12.86 -6.31
CA VAL A 136 19.13 12.34 -5.47
C VAL A 136 19.60 12.32 -4.01
N HIS A 137 18.78 12.88 -3.12
CA HIS A 137 18.94 12.92 -1.66
C HIS A 137 17.63 12.40 -1.05
N ARG A 138 17.68 11.29 -0.36
CA ARG A 138 16.48 10.68 0.23
C ARG A 138 16.68 10.49 1.72
N THR A 139 15.65 10.83 2.49
CA THR A 139 15.62 10.54 3.93
C THR A 139 14.45 9.62 4.19
N MET A 140 14.63 8.64 5.07
CA MET A 140 13.51 7.85 5.56
C MET A 140 13.50 7.94 7.07
N GLN A 141 12.31 8.12 7.59
CA GLN A 141 12.08 8.19 9.04
C GLN A 141 11.24 6.98 9.46
N PHE A 142 11.67 6.29 10.50
CA PHE A 142 10.96 5.08 10.96
C PHE A 142 10.29 5.39 12.28
N GLU A 143 9.27 4.63 12.61
CA GLU A 143 8.38 4.91 13.77
C GLU A 143 9.14 4.70 15.08
N ASP A 144 10.21 3.92 15.06
CA ASP A 144 11.01 3.68 16.28
C ASP A 144 12.05 4.79 16.47
N GLY A 145 12.03 5.83 15.65
CA GLY A 145 12.97 6.95 15.71
C GLY A 145 14.22 6.74 14.88
N ALA A 146 14.40 5.56 14.28
CA ALA A 146 15.51 5.28 13.35
C ALA A 146 15.36 6.17 12.11
N SER A 147 16.49 6.52 11.53
CA SER A 147 16.53 7.36 10.31
C SER A 147 17.62 6.80 9.38
N LEU A 148 17.35 6.98 8.12
CA LEU A 148 18.23 6.58 7.03
C LEU A 148 18.32 7.73 6.04
N THR A 149 19.52 7.96 5.51
CA THR A 149 19.77 8.93 4.41
C THR A 149 20.46 8.16 3.28
N VAL A 150 20.02 8.43 2.06
CA VAL A 150 20.56 7.80 0.82
C VAL A 150 20.88 8.92 -0.15
N ASN A 151 22.12 8.95 -0.61
CA ASN A 151 22.52 9.89 -1.67
C ASN A 151 22.97 9.11 -2.89
N TYR A 152 22.58 9.57 -4.09
CA TYR A 152 22.97 8.92 -5.35
C TYR A 152 23.84 9.80 -6.22
N ARG A 153 24.71 9.13 -6.94
CA ARG A 153 25.39 9.59 -8.16
C ARG A 153 25.14 8.60 -9.30
N TYR A 154 24.92 9.16 -10.48
CA TYR A 154 24.80 8.39 -11.72
C TYR A 154 25.82 8.95 -12.72
N THR A 155 26.35 8.06 -13.55
CA THR A 155 26.98 8.42 -14.84
C THR A 155 26.35 7.57 -15.93
N TYR A 156 26.41 8.09 -17.13
CA TYR A 156 25.73 7.49 -18.29
C TYR A 156 26.75 7.28 -19.42
N GLU A 157 26.66 6.13 -20.04
CA GLU A 157 27.45 5.79 -21.25
C GLU A 157 26.48 5.16 -22.23
N GLY A 158 25.99 5.96 -23.17
CA GLY A 158 24.95 5.53 -24.11
C GLY A 158 23.71 5.08 -23.35
N SER A 159 23.32 3.82 -23.52
CA SER A 159 22.10 3.27 -22.85
C SER A 159 22.42 2.70 -21.47
N HIS A 160 23.64 2.86 -20.97
CA HIS A 160 24.05 2.26 -19.67
C HIS A 160 24.06 3.32 -18.60
N ILE A 161 23.47 2.99 -17.46
CA ILE A 161 23.57 3.80 -16.21
C ILE A 161 24.52 3.10 -15.24
N LYS A 162 25.47 3.86 -14.70
CA LYS A 162 26.29 3.46 -13.56
C LYS A 162 25.82 4.24 -12.35
N GLY A 163 25.20 3.54 -11.39
CA GLY A 163 24.67 4.20 -10.20
C GLY A 163 25.44 3.83 -8.95
N GLU A 164 25.58 4.79 -8.04
CA GLU A 164 26.10 4.52 -6.68
C GLU A 164 25.16 5.18 -5.68
N ALA A 165 24.85 4.46 -4.63
CA ALA A 165 23.97 4.94 -3.55
C ALA A 165 24.69 4.67 -2.23
N GLN A 166 24.93 5.73 -1.49
CA GLN A 166 25.49 5.65 -0.13
C GLN A 166 24.33 5.73 0.85
N VAL A 167 24.26 4.74 1.72
CA VAL A 167 23.16 4.55 2.69
C VAL A 167 23.78 4.64 4.09
N GLU A 168 23.29 5.55 4.93
CA GLU A 168 23.64 5.57 6.37
C GLU A 168 22.32 5.55 7.14
N GLY A 169 22.16 4.54 8.01
CA GLY A 169 21.01 4.40 8.87
C GLY A 169 21.43 4.16 10.31
N THR A 170 20.73 4.81 11.23
CA THR A 170 21.08 4.80 12.67
C THR A 170 19.81 4.76 13.50
N GLY A 171 19.93 4.31 14.74
CA GLY A 171 18.82 4.41 15.67
C GLY A 171 17.87 3.24 15.60
N PHE A 172 18.23 2.12 14.97
CA PHE A 172 17.36 0.92 14.87
C PHE A 172 17.46 0.20 16.20
N PRO A 173 16.35 -0.10 16.92
CA PRO A 173 16.44 -0.95 18.11
C PRO A 173 17.19 -2.25 17.80
N ALA A 174 18.10 -2.66 18.68
CA ALA A 174 18.93 -3.86 18.44
C ALA A 174 18.05 -5.10 18.31
N ASP A 175 16.82 -5.11 18.83
CA ASP A 175 15.96 -6.32 18.78
C ASP A 175 14.73 -6.05 17.91
N GLY A 176 14.68 -4.93 17.19
CA GLY A 176 13.56 -4.64 16.31
C GLY A 176 13.63 -5.41 14.99
N PRO A 177 12.61 -5.26 14.14
CA PRO A 177 12.46 -6.13 12.96
C PRO A 177 13.54 -5.90 11.90
N VAL A 178 14.08 -4.68 11.84
CA VAL A 178 15.18 -4.42 10.86
C VAL A 178 16.43 -5.21 11.29
N MET A 179 16.90 -5.05 12.52
CA MET A 179 18.20 -5.65 12.92
C MET A 179 18.03 -7.18 13.07
N THR A 180 16.80 -7.69 13.21
CA THR A 180 16.59 -9.17 13.32
C THR A 180 16.04 -9.77 12.01
N ASN A 181 16.08 -9.08 10.86
CA ASN A 181 15.62 -9.63 9.57
C ASN A 181 14.22 -10.26 9.76
N SER A 182 13.27 -9.51 10.30
CA SER A 182 11.89 -9.98 10.58
C SER A 182 10.88 -9.13 9.84
N LEU A 183 11.26 -8.59 8.68
CA LEU A 183 10.27 -7.98 7.76
C LEU A 183 10.00 -9.00 6.64
N THR A 184 8.75 -9.02 6.17
CA THR A 184 8.25 -9.98 5.16
C THR A 184 7.23 -9.32 4.24
N ALA A 185 7.03 -9.88 3.05
CA ALA A 185 5.95 -9.55 2.10
C ALA A 185 4.64 -10.25 2.51
N GLU A 186 4.69 -11.34 3.25
CA GLU A 186 3.51 -12.24 3.41
C GLU A 186 3.24 -12.46 4.89
N ALA A 187 2.11 -11.98 5.40
CA ALA A 187 1.67 -12.35 6.75
C ALA A 187 0.16 -12.26 6.80
N HIS A 188 -0.46 -12.89 7.79
CA HIS A 188 -1.93 -12.78 7.99
C HIS A 188 -2.26 -12.59 9.47
N ASP A 189 -3.46 -12.10 9.76
CA ASP A 189 -4.04 -12.10 11.13
C ASP A 189 -4.28 -13.55 11.58
N GLN A 190 -4.07 -13.79 12.88
CA GLN A 190 -4.49 -14.99 13.64
C GLN A 190 -5.88 -14.68 14.16
N LEU A 191 -6.89 -15.40 13.73
CA LEU A 191 -8.28 -15.10 14.16
C LEU A 191 -8.72 -16.08 15.25
N THR A 192 -9.46 -15.56 16.22
CA THR A 192 -10.18 -16.37 17.22
C THR A 192 -11.42 -16.95 16.56
N GLU A 193 -11.98 -17.98 17.18
CA GLU A 193 -13.24 -18.61 16.73
C GLU A 193 -14.32 -17.55 16.66
N GLU A 194 -14.38 -16.67 17.64
CA GLU A 194 -15.44 -15.64 17.66
C GLU A 194 -15.21 -14.68 16.48
N GLN A 195 -13.98 -14.38 16.14
CA GLN A 195 -13.71 -13.48 14.99
C GLN A 195 -14.15 -14.21 13.70
N ILE A 196 -13.92 -15.52 13.61
CA ILE A 196 -14.31 -16.29 12.41
C ILE A 196 -15.83 -16.26 12.34
N ALA A 197 -16.49 -16.46 13.48
CA ALA A 197 -17.97 -16.45 13.55
C ALA A 197 -18.45 -15.08 13.07
N GLU A 198 -17.78 -13.99 13.43
CA GLU A 198 -18.26 -12.65 13.01
C GLU A 198 -18.08 -12.52 11.49
N PHE A 199 -16.96 -12.95 10.95
CA PHE A 199 -16.75 -12.89 9.47
C PHE A 199 -17.84 -13.71 8.76
N LYS A 200 -18.28 -14.82 9.36
CA LYS A 200 -19.32 -15.65 8.76
C LYS A 200 -20.66 -14.88 8.73
N GLU A 201 -20.97 -14.11 9.77
CA GLU A 201 -22.16 -13.23 9.76
C GLU A 201 -22.04 -12.22 8.61
N ALA A 202 -20.87 -11.61 8.44
CA ALA A 202 -20.65 -10.61 7.37
C ALA A 202 -20.82 -11.30 6.01
N PHE A 203 -20.21 -12.45 5.85
CA PHE A 203 -20.28 -13.23 4.59
C PHE A 203 -21.75 -13.44 4.20
N SER A 204 -22.60 -13.75 5.17
CA SER A 204 -24.02 -14.06 4.92
C SER A 204 -24.77 -12.87 4.33
N LEU A 205 -24.30 -11.66 4.56
CA LEU A 205 -24.97 -10.46 3.98
C LEU A 205 -24.74 -10.45 2.47
N PHE A 206 -23.63 -11.00 2.02
CA PHE A 206 -23.26 -11.06 0.58
C PHE A 206 -23.97 -12.24 -0.08
N ASP A 207 -24.08 -13.35 0.64
CA ASP A 207 -24.59 -14.63 0.12
C ASP A 207 -26.12 -14.54 0.12
N LYS A 208 -26.65 -13.77 -0.80
CA LYS A 208 -28.10 -13.45 -0.87
C LYS A 208 -28.95 -14.70 -1.06
N ASP A 209 -28.53 -15.71 -1.82
CA ASP A 209 -29.37 -16.92 -2.02
C ASP A 209 -29.07 -18.00 -0.97
N GLY A 210 -28.10 -17.78 -0.11
CA GLY A 210 -27.69 -18.68 0.96
C GLY A 210 -27.07 -19.97 0.45
N ASP A 211 -26.53 -20.05 -0.77
CA ASP A 211 -25.94 -21.30 -1.31
C ASP A 211 -24.50 -21.53 -0.84
N GLY A 212 -23.94 -20.67 0.03
CA GLY A 212 -22.62 -20.89 0.62
C GLY A 212 -21.48 -20.28 -0.17
N THR A 213 -21.79 -19.49 -1.22
CA THR A 213 -20.72 -18.80 -1.95
C THR A 213 -21.24 -17.49 -2.48
N ILE A 214 -20.32 -16.57 -2.72
CA ILE A 214 -20.64 -15.20 -3.21
C ILE A 214 -20.29 -15.18 -4.69
N THR A 215 -21.28 -14.90 -5.52
CA THR A 215 -21.09 -14.70 -6.98
C THR A 215 -20.90 -13.23 -7.31
N THR A 216 -20.48 -12.97 -8.54
CA THR A 216 -20.40 -11.60 -9.07
C THR A 216 -21.78 -10.94 -8.95
N LYS A 217 -22.86 -11.67 -9.22
CA LYS A 217 -24.21 -11.08 -9.11
C LYS A 217 -24.41 -10.58 -7.68
N GLU A 218 -24.07 -11.41 -6.69
CA GLU A 218 -24.31 -11.08 -5.26
C GLU A 218 -23.39 -9.94 -4.82
N LEU A 219 -22.10 -9.99 -5.16
CA LEU A 219 -21.17 -8.87 -4.85
C LEU A 219 -21.62 -7.57 -5.50
N GLY A 220 -22.00 -7.60 -6.78
CA GLY A 220 -22.52 -6.41 -7.47
C GLY A 220 -23.76 -5.83 -6.76
N THR A 221 -24.68 -6.69 -6.34
CA THR A 221 -25.94 -6.30 -5.64
C THR A 221 -25.56 -5.53 -4.39
N VAL A 222 -24.64 -6.06 -3.59
CA VAL A 222 -24.28 -5.37 -2.31
C VAL A 222 -23.58 -4.06 -2.61
N MET A 223 -22.60 -4.05 -3.50
CA MET A 223 -21.89 -2.79 -3.83
C MET A 223 -22.84 -1.71 -4.34
N ARG A 224 -23.80 -2.08 -5.18
CA ARG A 224 -24.80 -1.15 -5.75
C ARG A 224 -25.68 -0.60 -4.62
N SER A 225 -26.02 -1.45 -3.66
CA SER A 225 -26.89 -1.08 -2.53
C SER A 225 -26.17 0.01 -1.75
N LEU A 226 -24.83 0.03 -1.78
CA LEU A 226 -24.02 1.03 -1.06
C LEU A 226 -23.54 2.15 -1.98
N GLY A 227 -24.08 2.29 -3.18
CA GLY A 227 -23.82 3.46 -4.04
C GLY A 227 -22.60 3.30 -4.94
N GLN A 228 -22.05 2.08 -5.08
CA GLN A 228 -20.93 1.81 -6.01
C GLN A 228 -21.45 0.99 -7.18
N ASN A 229 -21.00 1.30 -8.40
CA ASN A 229 -21.55 0.65 -9.62
C ASN A 229 -20.39 -0.04 -10.35
N PRO A 230 -19.89 -1.18 -9.87
CA PRO A 230 -18.80 -1.84 -10.57
C PRO A 230 -19.30 -2.47 -11.86
N THR A 231 -18.41 -2.56 -12.84
CA THR A 231 -18.71 -3.29 -14.09
C THR A 231 -18.56 -4.78 -13.86
N GLU A 232 -19.09 -5.60 -14.74
CA GLU A 232 -19.01 -7.06 -14.56
C GLU A 232 -17.52 -7.46 -14.59
N ALA A 233 -16.72 -6.88 -15.48
CA ALA A 233 -15.29 -7.26 -15.55
C ALA A 233 -14.62 -6.92 -14.22
N GLU A 234 -14.97 -5.77 -13.63
CA GLU A 234 -14.44 -5.35 -12.33
C GLU A 234 -14.81 -6.38 -11.29
N LEU A 235 -16.06 -6.81 -11.28
CA LEU A 235 -16.50 -7.84 -10.31
C LEU A 235 -15.74 -9.15 -10.52
N ARG A 236 -15.51 -9.56 -11.76
CA ARG A 236 -14.77 -10.83 -12.02
C ARG A 236 -13.31 -10.65 -11.57
N VAL A 237 -12.72 -9.47 -11.75
CA VAL A 237 -11.32 -9.25 -11.32
C VAL A 237 -11.24 -9.31 -9.79
N MET A 238 -12.17 -8.65 -9.10
CA MET A 238 -12.20 -8.65 -7.62
C MET A 238 -12.24 -10.11 -7.13
N ILE A 239 -13.14 -10.89 -7.66
CA ILE A 239 -13.26 -12.31 -7.27
C ILE A 239 -11.97 -13.06 -7.67
N ILE A 240 -11.49 -12.92 -8.90
CA ILE A 240 -10.35 -13.79 -9.32
C ILE A 240 -9.13 -13.48 -8.44
N GLU A 241 -9.02 -12.27 -7.89
CA GLU A 241 -7.86 -11.86 -7.06
C GLU A 241 -7.88 -12.63 -5.74
N VAL A 242 -9.00 -13.17 -5.29
CA VAL A 242 -9.07 -13.86 -3.98
C VAL A 242 -9.64 -15.27 -4.11
N ASP A 243 -9.96 -15.72 -5.32
CA ASP A 243 -10.64 -16.99 -5.61
C ASP A 243 -9.61 -18.13 -5.63
N ALA A 244 -9.24 -18.67 -4.48
CA ALA A 244 -8.12 -19.65 -4.39
C ALA A 244 -8.42 -20.91 -5.20
N ASP A 245 -9.66 -21.39 -5.18
CA ASP A 245 -9.99 -22.67 -5.86
C ASP A 245 -10.39 -22.44 -7.32
N GLY A 246 -10.48 -21.18 -7.77
CA GLY A 246 -10.66 -20.87 -9.20
C GLY A 246 -12.05 -21.13 -9.74
N ASP A 247 -13.08 -21.39 -8.92
CA ASP A 247 -14.41 -21.82 -9.38
C ASP A 247 -15.21 -20.62 -9.93
N GLY A 248 -14.74 -19.40 -9.73
CA GLY A 248 -15.46 -18.19 -10.19
C GLY A 248 -16.30 -17.55 -9.12
N THR A 249 -16.23 -18.10 -7.90
CA THR A 249 -17.02 -17.57 -6.75
C THR A 249 -16.11 -17.43 -5.53
N LEU A 250 -16.57 -16.59 -4.58
CA LEU A 250 -15.85 -16.30 -3.32
C LEU A 250 -16.55 -17.04 -2.18
N ASP A 251 -15.98 -18.16 -1.78
CA ASP A 251 -16.62 -18.97 -0.71
C ASP A 251 -16.09 -18.51 0.65
N PHE A 252 -16.61 -19.09 1.72
CA PHE A 252 -16.32 -18.57 3.09
C PHE A 252 -14.83 -18.73 3.41
N PRO A 253 -14.17 -19.89 3.17
CA PRO A 253 -12.73 -19.96 3.41
C PRO A 253 -11.94 -18.89 2.67
N GLU A 254 -12.31 -18.62 1.43
CA GLU A 254 -11.62 -17.62 0.58
C GLU A 254 -11.87 -16.22 1.14
N PHE A 255 -13.10 -15.99 1.58
CA PHE A 255 -13.53 -14.71 2.22
C PHE A 255 -12.71 -14.48 3.48
N LEU A 256 -12.65 -15.47 4.35
CA LEU A 256 -11.85 -15.37 5.60
C LEU A 256 -10.39 -15.04 5.25
N ALA A 257 -9.82 -15.80 4.34
CA ALA A 257 -8.39 -15.66 3.98
C ALA A 257 -8.15 -14.24 3.45
N MET A 258 -9.06 -13.72 2.65
CA MET A 258 -8.94 -12.39 2.03
C MET A 258 -8.92 -11.35 3.16
N MET A 259 -9.79 -11.54 4.14
CA MET A 259 -9.93 -10.55 5.23
C MET A 259 -8.74 -10.62 6.19
N ALA A 260 -8.12 -11.80 6.35
CA ALA A 260 -6.99 -11.98 7.30
C ALA A 260 -5.66 -11.56 6.65
N ARG A 261 -5.58 -11.44 5.33
CA ARG A 261 -4.32 -11.11 4.61
C ARG A 261 -3.85 -9.70 5.01
N LYS A 262 -2.54 -9.52 5.25
CA LYS A 262 -1.96 -8.17 5.42
C LYS A 262 -1.55 -7.66 4.05
N MET A 263 -2.14 -6.55 3.64
CA MET A 263 -1.90 -5.98 2.30
C MET A 263 -0.71 -5.00 2.45
N LYS A 264 0.17 -4.96 1.48
CA LYS A 264 1.45 -4.20 1.62
C LYS A 264 1.15 -2.73 1.92
N TYR A 265 0.18 -2.13 1.22
CA TYR A 265 0.01 -0.64 1.20
C TYR A 265 -1.41 -0.24 1.57
N ARG A 266 -2.04 -1.08 2.39
CA ARG A 266 -3.41 -0.82 2.90
C ARG A 266 -3.54 -1.49 4.27
N ASP A 267 -3.68 -0.67 5.29
CA ASP A 267 -3.73 -1.17 6.69
C ASP A 267 -5.11 -0.92 7.31
N THR A 268 -5.24 -1.38 8.57
CA THR A 268 -6.50 -1.34 9.35
C THR A 268 -7.01 0.09 9.46
N GLU A 269 -6.14 1.04 9.81
CA GLU A 269 -6.56 2.44 9.96
C GLU A 269 -7.19 2.93 8.64
N GLU A 270 -6.57 2.66 7.49
CA GLU A 270 -7.12 3.12 6.17
C GLU A 270 -8.51 2.49 6.01
N GLU A 271 -8.64 1.18 6.26
CA GLU A 271 -9.91 0.46 6.04
C GLU A 271 -10.98 0.99 7.00
N ILE A 272 -10.62 1.23 8.26
CA ILE A 272 -11.63 1.73 9.22
C ILE A 272 -12.03 3.18 8.85
N ARG A 273 -11.09 4.02 8.44
CA ARG A 273 -11.36 5.40 7.97
C ARG A 273 -12.30 5.36 6.77
N GLU A 274 -12.01 4.55 5.75
CA GLU A 274 -12.91 4.38 4.59
C GLU A 274 -14.28 3.88 5.07
N ALA A 275 -14.33 2.87 5.94
CA ALA A 275 -15.64 2.33 6.41
C ALA A 275 -16.43 3.47 7.07
N PHE A 276 -15.79 4.27 7.92
CA PHE A 276 -16.50 5.36 8.63
C PHE A 276 -17.15 6.26 7.58
N GLY A 277 -16.42 6.56 6.50
CA GLY A 277 -16.91 7.40 5.40
C GLY A 277 -18.20 6.84 4.80
N VAL A 278 -18.30 5.52 4.67
CA VAL A 278 -19.52 4.88 4.10
C VAL A 278 -20.70 5.11 5.04
N PHE A 279 -20.51 4.90 6.34
CA PHE A 279 -21.57 5.11 7.36
C PHE A 279 -21.95 6.58 7.41
N ASP A 280 -20.95 7.46 7.43
CA ASP A 280 -21.07 8.93 7.62
C ASP A 280 -21.36 9.56 6.27
N LYS A 281 -22.58 9.30 5.76
CA LYS A 281 -23.02 9.64 4.40
C LYS A 281 -22.94 11.16 4.19
N ASP A 282 -23.24 11.99 5.18
CA ASP A 282 -23.26 13.46 4.98
C ASP A 282 -21.91 14.09 5.35
N GLY A 283 -20.94 13.27 5.72
CA GLY A 283 -19.53 13.69 5.91
C GLY A 283 -19.37 14.66 7.08
N ASN A 284 -20.28 14.63 8.07
CA ASN A 284 -20.25 15.65 9.15
C ASN A 284 -19.43 15.15 10.35
N GLY A 285 -18.84 13.95 10.25
CA GLY A 285 -17.94 13.37 11.28
C GLY A 285 -18.71 12.64 12.37
N TYR A 286 -20.01 12.46 12.19
CA TYR A 286 -20.82 11.63 13.13
C TYR A 286 -21.68 10.68 12.34
N ILE A 287 -21.84 9.45 12.84
CA ILE A 287 -22.88 8.54 12.34
C ILE A 287 -24.13 8.73 13.17
N GLY A 288 -25.19 9.21 12.54
CA GLY A 288 -26.50 9.32 13.18
C GLY A 288 -27.29 8.04 13.04
N ALA A 289 -28.40 7.97 13.77
CA ALA A 289 -29.30 6.79 13.76
C ALA A 289 -29.74 6.52 12.31
N ALA A 290 -30.13 7.55 11.55
CA ALA A 290 -30.66 7.36 10.18
C ALA A 290 -29.55 6.80 9.26
N GLU A 291 -28.33 7.31 9.41
CA GLU A 291 -27.15 6.84 8.65
C GLU A 291 -26.84 5.38 8.98
N LEU A 292 -26.92 4.99 10.23
CA LEU A 292 -26.67 3.59 10.66
C LEU A 292 -27.76 2.72 10.06
N ARG A 293 -29.03 3.15 10.16
CA ARG A 293 -30.17 2.41 9.58
C ARG A 293 -29.95 2.23 8.07
N HIS A 294 -29.46 3.26 7.38
CA HIS A 294 -29.26 3.23 5.90
C HIS A 294 -28.23 2.15 5.53
N VAL A 295 -27.09 2.13 6.20
CA VAL A 295 -26.06 1.10 5.89
C VAL A 295 -26.65 -0.30 6.19
N MET A 296 -27.25 -0.49 7.35
CA MET A 296 -27.78 -1.81 7.77
C MET A 296 -28.84 -2.25 6.76
N THR A 297 -29.83 -1.40 6.50
CA THR A 297 -30.89 -1.74 5.51
C THR A 297 -30.27 -2.10 4.15
N ASN A 298 -29.37 -1.27 3.64
CA ASN A 298 -28.84 -1.47 2.29
C ASN A 298 -28.04 -2.79 2.23
N LEU A 299 -27.44 -3.20 3.33
CA LEU A 299 -26.68 -4.48 3.36
C LEU A 299 -27.64 -5.67 3.46
N GLY A 300 -28.88 -5.46 3.89
CA GLY A 300 -29.88 -6.53 4.03
C GLY A 300 -30.12 -6.89 5.49
N GLU A 301 -29.50 -6.19 6.45
CA GLU A 301 -29.61 -6.43 7.91
C GLU A 301 -30.81 -5.62 8.42
N LYS A 302 -32.01 -6.23 8.47
CA LYS A 302 -33.29 -5.57 8.84
C LYS A 302 -33.32 -5.30 10.35
N LEU A 303 -33.62 -4.08 10.76
CA LEU A 303 -33.59 -3.71 12.20
C LEU A 303 -34.85 -2.95 12.55
N THR A 304 -35.35 -3.16 13.76
CA THR A 304 -36.46 -2.37 14.32
C THR A 304 -35.92 -0.99 14.68
N ASP A 305 -36.80 -0.01 14.87
CA ASP A 305 -36.44 1.33 15.40
C ASP A 305 -35.74 1.10 16.76
N GLU A 306 -36.29 0.18 17.56
CA GLU A 306 -35.76 -0.17 18.91
C GLU A 306 -34.29 -0.56 18.76
N GLU A 307 -34.00 -1.46 17.83
CA GLU A 307 -32.64 -2.01 17.67
C GLU A 307 -31.67 -0.90 17.26
N VAL A 308 -32.09 -0.06 16.30
CA VAL A 308 -31.20 1.02 15.81
C VAL A 308 -30.82 1.87 17.02
N GLY A 309 -31.78 2.17 17.88
CA GLY A 309 -31.54 2.98 19.09
C GLY A 309 -30.51 2.31 19.99
N GLU A 310 -30.67 0.98 20.22
CA GLU A 310 -29.76 0.17 21.05
C GLU A 310 -28.34 0.22 20.47
N LEU A 311 -28.22 0.09 19.16
CA LEU A 311 -26.88 0.06 18.52
C LEU A 311 -26.23 1.43 18.73
N ILE A 312 -26.98 2.51 18.57
CA ILE A 312 -26.40 3.88 18.74
C ILE A 312 -25.98 4.04 20.20
N ARG A 313 -26.85 3.67 21.13
CA ARG A 313 -26.55 3.83 22.58
C ARG A 313 -25.28 3.03 22.94
N GLU A 314 -25.13 1.83 22.41
CA GLU A 314 -23.97 0.94 22.75
C GLU A 314 -22.66 1.60 22.34
N ALA A 315 -22.63 2.26 21.19
CA ALA A 315 -21.43 2.88 20.59
C ALA A 315 -21.20 4.26 21.19
N ASP A 316 -22.26 4.95 21.60
CA ASP A 316 -22.24 6.41 21.92
C ASP A 316 -21.69 6.65 23.32
N ILE A 317 -20.38 6.58 23.47
CA ILE A 317 -19.71 6.65 24.77
C ILE A 317 -20.01 8.01 25.40
N ASP A 318 -19.92 9.09 24.64
CA ASP A 318 -20.00 10.44 25.24
C ASP A 318 -21.45 10.92 25.39
N GLY A 319 -22.47 10.16 24.92
CA GLY A 319 -23.91 10.44 25.19
C GLY A 319 -24.56 11.56 24.38
N ASP A 320 -23.98 11.98 23.26
CA ASP A 320 -24.55 13.04 22.36
C ASP A 320 -25.52 12.45 21.33
N GLY A 321 -25.78 11.15 21.36
CA GLY A 321 -26.79 10.50 20.49
C GLY A 321 -26.29 10.24 19.09
N GLN A 322 -24.98 10.39 18.86
CA GLN A 322 -24.36 10.11 17.55
C GLN A 322 -23.00 9.44 17.77
N VAL A 323 -22.47 8.84 16.74
CA VAL A 323 -21.24 8.01 16.87
C VAL A 323 -20.14 8.72 16.09
N ASN A 324 -19.17 9.25 16.83
CA ASN A 324 -18.01 9.91 16.18
C ASN A 324 -17.00 8.85 15.71
N TYR A 325 -15.98 9.30 15.02
CA TYR A 325 -14.96 8.41 14.44
C TYR A 325 -14.29 7.57 15.54
N GLU A 326 -13.93 8.17 16.69
CA GLU A 326 -13.23 7.36 17.73
C GLU A 326 -14.18 6.34 18.38
N GLU A 327 -15.45 6.69 18.52
CA GLU A 327 -16.47 5.73 19.05
C GLU A 327 -16.59 4.58 18.03
N PHE A 328 -16.62 4.90 16.75
CA PHE A 328 -16.68 3.89 15.67
C PHE A 328 -15.48 2.96 15.73
N VAL A 329 -14.29 3.52 15.89
CA VAL A 329 -13.03 2.73 15.95
C VAL A 329 -13.20 1.70 17.07
N GLN A 330 -13.70 2.14 18.23
CA GLN A 330 -13.83 1.26 19.40
C GLN A 330 -14.84 0.14 19.10
N MET A 331 -15.94 0.45 18.43
CA MET A 331 -16.94 -0.57 18.04
C MET A 331 -16.29 -1.62 17.11
N MET A 332 -15.40 -1.17 16.21
CA MET A 332 -14.82 -1.99 15.10
C MET A 332 -13.56 -2.74 15.57
N THR A 333 -13.19 -2.68 16.86
CA THR A 333 -11.96 -3.32 17.43
C THR A 333 -12.32 -4.46 18.38
N GLY A 341 -24.94 -5.92 25.82
CA GLY A 341 -24.45 -5.10 24.69
C GLY A 341 -23.61 -5.90 23.70
N SER A 342 -23.34 -7.17 23.98
CA SER A 342 -22.51 -8.00 23.08
C SER A 342 -23.26 -8.21 21.77
N SER A 343 -24.58 -8.33 21.78
CA SER A 343 -25.32 -8.56 20.50
C SER A 343 -25.34 -7.25 19.70
N SER A 344 -25.36 -6.10 20.35
CA SER A 344 -25.24 -4.79 19.66
C SER A 344 -23.85 -4.66 19.02
N ARG A 345 -22.80 -5.00 19.76
CA ARG A 345 -21.42 -4.96 19.24
C ARG A 345 -21.28 -5.90 18.04
N ARG A 346 -21.84 -7.13 18.12
CA ARG A 346 -21.72 -8.09 16.99
C ARG A 346 -22.45 -7.53 15.75
N LYS A 347 -23.62 -6.89 15.89
CA LYS A 347 -24.37 -6.31 14.74
C LYS A 347 -23.55 -5.18 14.11
N TRP A 348 -22.95 -4.30 14.92
CA TRP A 348 -22.05 -3.27 14.37
C TRP A 348 -20.97 -3.96 13.57
N ASN A 349 -20.35 -4.99 14.12
CA ASN A 349 -19.18 -5.61 13.45
C ASN A 349 -19.60 -6.35 12.18
N LYS A 350 -20.79 -6.92 12.16
CA LYS A 350 -21.31 -7.60 10.95
C LYS A 350 -21.30 -6.59 9.80
N ALA A 351 -21.88 -5.41 10.05
CA ALA A 351 -21.96 -4.37 9.00
C ALA A 351 -20.54 -3.87 8.71
N GLY A 352 -19.74 -3.60 9.75
CA GLY A 352 -18.39 -3.05 9.56
C GLY A 352 -17.53 -3.99 8.74
N HIS A 353 -17.58 -5.28 9.02
CA HIS A 353 -16.78 -6.28 8.27
C HIS A 353 -17.25 -6.31 6.83
N ALA A 354 -18.55 -6.28 6.60
CA ALA A 354 -19.11 -6.28 5.23
C ALA A 354 -18.58 -5.03 4.51
N VAL A 355 -18.63 -3.87 5.12
CA VAL A 355 -18.16 -2.64 4.46
C VAL A 355 -16.66 -2.77 4.18
N ARG A 356 -15.90 -3.29 5.14
CA ARG A 356 -14.45 -3.42 4.96
C ARG A 356 -14.16 -4.41 3.84
N ALA A 357 -14.99 -5.45 3.70
CA ALA A 357 -14.78 -6.49 2.66
C ALA A 357 -14.94 -5.81 1.29
N ILE A 358 -15.94 -4.94 1.16
CA ILE A 358 -16.15 -4.25 -0.14
C ILE A 358 -14.95 -3.35 -0.44
N GLY A 359 -14.46 -2.60 0.56
CA GLY A 359 -13.29 -1.73 0.40
C GLY A 359 -12.07 -2.52 -0.02
N ARG A 360 -11.86 -3.66 0.59
CA ARG A 360 -10.68 -4.52 0.33
C ARG A 360 -10.79 -5.14 -1.08
N LEU A 361 -11.97 -5.63 -1.45
CA LEU A 361 -12.20 -6.22 -2.80
C LEU A 361 -12.02 -5.14 -3.86
N SER A 362 -12.56 -3.96 -3.62
CA SER A 362 -12.51 -2.80 -4.55
C SER A 362 -11.07 -2.41 -4.83
N SER A 363 -10.18 -2.60 -3.84
CA SER A 363 -8.83 -2.01 -3.91
C SER A 363 -7.80 -3.07 -4.30
N MET A 364 -8.20 -4.33 -4.48
CA MET A 364 -7.23 -5.46 -4.65
C MET A 364 -6.35 -5.21 -5.88
N TYR A 365 -6.88 -4.63 -6.94
CA TYR A 365 -6.18 -4.65 -8.25
C TYR A 365 -4.93 -3.78 -8.18
N PHE A 366 -4.78 -2.95 -7.16
CA PHE A 366 -3.54 -2.13 -6.96
C PHE A 366 -2.94 -2.45 -5.59
N ALA A 367 -3.25 -3.64 -5.05
CA ALA A 367 -2.79 -4.06 -3.70
C ALA A 367 -1.25 -4.04 -3.66
N ASP A 368 -0.64 -4.42 -4.75
CA ASP A 368 0.84 -4.54 -4.77
C ASP A 368 1.47 -3.18 -5.14
N TRP A 369 0.73 -2.05 -5.11
CA TRP A 369 1.25 -0.79 -5.68
C TRP A 369 1.25 0.36 -4.68
N CYS A 370 2.40 1.04 -4.55
CA CYS A 370 2.64 2.11 -3.55
C CYS A 370 2.66 3.43 -4.30
N VAL A 371 1.97 4.45 -3.80
CA VAL A 371 1.92 5.77 -4.48
C VAL A 371 2.97 6.71 -3.91
N SER A 372 3.66 7.43 -4.79
CA SER A 372 4.56 8.56 -4.48
C SER A 372 3.92 9.79 -5.10
N LYS A 373 4.03 10.91 -4.39
CA LYS A 373 3.46 12.20 -4.79
C LYS A 373 4.64 13.13 -5.03
N LYS A 374 4.72 13.72 -6.23
CA LYS A 374 5.87 14.53 -6.69
C LYS A 374 5.40 15.93 -7.03
N THR A 375 6.11 16.93 -6.49
CA THR A 375 5.93 18.35 -6.83
C THR A 375 7.26 19.00 -7.15
N CYS A 376 7.22 20.22 -7.67
CA CYS A 376 8.45 20.95 -8.05
C CYS A 376 8.49 22.28 -7.30
N PRO A 377 9.31 22.41 -6.22
CA PRO A 377 9.52 23.68 -5.54
C PRO A 377 10.10 24.76 -6.48
N ASN A 378 10.80 24.35 -7.53
CA ASN A 378 11.33 25.27 -8.57
C ASN A 378 11.68 24.44 -9.79
N ASP A 379 12.16 25.09 -10.85
CA ASP A 379 12.46 24.43 -12.13
C ASP A 379 13.66 23.46 -12.09
N LYS A 380 14.38 23.32 -10.96
CA LYS A 380 15.55 22.41 -10.90
C LYS A 380 15.39 21.40 -9.77
N THR A 381 14.18 21.32 -9.19
CA THR A 381 13.93 20.48 -8.01
C THR A 381 12.62 19.72 -8.16
N ILE A 382 12.68 18.42 -7.83
CA ILE A 382 11.47 17.63 -7.54
C ILE A 382 11.57 17.18 -6.09
N VAL A 383 10.47 17.25 -5.39
CA VAL A 383 10.35 16.65 -4.04
C VAL A 383 9.27 15.59 -4.14
N SER A 384 9.58 14.39 -3.70
CA SER A 384 8.67 13.21 -3.77
C SER A 384 8.49 12.69 -2.36
N THR A 385 7.30 12.28 -1.99
CA THR A 385 7.04 11.64 -0.69
C THR A 385 6.28 10.34 -0.88
N PHE A 386 6.54 9.37 -0.02
CA PHE A 386 5.67 8.18 0.08
C PHE A 386 5.72 7.69 1.51
N LYS A 387 4.84 6.76 1.82
CA LYS A 387 4.89 6.06 3.13
C LYS A 387 4.82 4.57 2.89
N TRP A 388 5.44 3.84 3.79
CA TRP A 388 5.54 2.36 3.66
C TRP A 388 5.44 1.81 5.07
N ALA A 389 4.34 1.09 5.35
CA ALA A 389 4.09 0.38 6.63
C ALA A 389 4.53 -1.06 6.41
N PHE A 390 5.81 -1.31 6.61
CA PHE A 390 6.39 -2.65 6.41
C PHE A 390 5.58 -3.64 7.24
N ILE A 391 5.58 -4.89 6.82
CA ILE A 391 4.91 -5.99 7.55
C ILE A 391 5.99 -6.81 8.23
N THR A 392 5.80 -7.12 9.51
CA THR A 392 6.73 -8.00 10.25
C THR A 392 6.30 -9.49 10.12
N ASP A 393 7.23 -10.38 10.42
CA ASP A 393 7.03 -11.86 10.46
C ASP A 393 5.75 -12.14 11.26
N ASN A 394 5.49 -11.44 12.37
CA ASN A 394 4.30 -11.74 13.21
C ASN A 394 3.09 -10.89 12.78
N GLY A 395 3.12 -10.30 11.58
CA GLY A 395 1.97 -9.58 10.98
C GLY A 395 1.66 -8.26 11.67
N LYS A 396 2.65 -7.63 12.30
CA LYS A 396 2.56 -6.25 12.83
C LYS A 396 3.02 -5.26 11.76
N ARG A 397 2.83 -3.98 12.02
CA ARG A 397 3.19 -2.91 11.09
C ARG A 397 4.44 -2.21 11.62
N TYR A 398 5.30 -1.79 10.71
CA TYR A 398 6.52 -1.04 11.01
C TYR A 398 6.56 0.14 10.04
N ARG A 399 6.11 1.29 10.52
CA ARG A 399 5.79 2.48 9.68
C ARG A 399 7.05 3.27 9.33
N SER A 400 7.09 3.76 8.10
CA SER A 400 8.13 4.71 7.66
C SER A 400 7.50 5.72 6.74
N THR A 401 8.18 6.84 6.60
CA THR A 401 7.91 7.86 5.58
C THR A 401 9.21 8.13 4.87
N ALA A 402 9.12 8.55 3.62
CA ALA A 402 10.30 8.90 2.80
C ALA A 402 10.10 10.29 2.22
N ARG A 403 11.18 11.03 2.11
CA ARG A 403 11.15 12.31 1.38
C ARG A 403 12.39 12.35 0.51
N THR A 404 12.17 12.54 -0.78
CA THR A 404 13.28 12.51 -1.75
C THR A 404 13.34 13.82 -2.51
N THR A 405 14.52 14.42 -2.59
CA THR A 405 14.77 15.69 -3.30
C THR A 405 15.68 15.39 -4.47
N TYR A 406 15.20 15.69 -5.66
CA TYR A 406 15.95 15.52 -6.93
C TYR A 406 16.43 16.90 -7.34
N THR A 407 17.72 17.04 -7.55
CA THR A 407 18.34 18.32 -7.99
C THR A 407 18.84 18.16 -9.42
N PHE A 408 18.28 18.94 -10.36
CA PHE A 408 18.61 18.85 -11.79
C PHE A 408 19.67 19.88 -12.13
N ALA A 409 20.63 19.48 -12.93
CA ALA A 409 21.74 20.34 -13.37
C ALA A 409 21.17 21.43 -14.28
N LYS A 410 20.15 21.10 -15.08
CA LYS A 410 19.48 22.10 -15.96
C LYS A 410 18.03 22.21 -15.58
N PRO A 411 17.37 23.37 -15.85
CA PRO A 411 15.95 23.52 -15.62
C PRO A 411 15.17 22.46 -16.41
N MET A 412 14.14 21.96 -15.75
CA MET A 412 13.19 20.99 -16.33
C MET A 412 12.31 21.70 -17.37
N ALA A 413 11.95 20.96 -18.40
CA ALA A 413 11.00 21.42 -19.44
C ALA A 413 9.71 21.93 -18.81
N ALA A 414 9.16 23.01 -19.38
CA ALA A 414 7.99 23.73 -18.83
C ALA A 414 6.78 22.81 -18.57
N ASN A 415 6.53 21.81 -19.41
CA ASN A 415 5.29 21.00 -19.26
C ASN A 415 5.35 20.17 -17.99
N TYR A 416 6.52 19.88 -17.47
CA TYR A 416 6.66 19.15 -16.17
C TYR A 416 6.20 20.04 -15.02
N LEU A 417 6.50 21.34 -15.10
CA LEU A 417 6.15 22.30 -14.03
C LEU A 417 4.64 22.56 -14.06
N LYS A 418 3.99 22.43 -15.22
CA LYS A 418 2.53 22.63 -15.40
C LYS A 418 1.76 21.44 -14.80
N ASN A 419 2.32 20.27 -14.78
CA ASN A 419 1.56 19.03 -14.50
C ASN A 419 1.95 18.57 -13.10
N GLN A 420 1.51 19.34 -12.11
CA GLN A 420 1.77 19.09 -10.66
C GLN A 420 0.47 18.96 -9.90
N PRO A 421 0.36 18.03 -8.93
CA PRO A 421 1.36 16.98 -8.72
C PRO A 421 1.34 15.86 -9.76
N MET A 422 2.40 15.05 -9.79
CA MET A 422 2.42 13.75 -10.47
C MET A 422 2.30 12.68 -9.37
N TYR A 423 1.59 11.61 -9.64
CA TYR A 423 1.49 10.46 -8.73
C TYR A 423 2.11 9.29 -9.44
N VAL A 424 3.04 8.61 -8.78
CA VAL A 424 3.71 7.45 -9.40
C VAL A 424 3.42 6.23 -8.54
N PHE A 425 2.84 5.19 -9.15
CA PHE A 425 2.50 3.92 -8.49
C PHE A 425 3.63 2.95 -8.78
N ARG A 426 4.18 2.31 -7.75
CA ARG A 426 5.29 1.37 -7.92
C ARG A 426 4.95 0.04 -7.24
N LYS A 427 5.21 -1.03 -7.97
CA LYS A 427 5.18 -2.41 -7.46
C LYS A 427 6.62 -2.88 -7.36
N THR A 428 6.95 -3.60 -6.30
CA THR A 428 8.31 -4.14 -6.12
C THR A 428 8.21 -5.61 -5.67
N GLU A 429 9.20 -6.40 -6.06
CA GLU A 429 9.35 -7.78 -5.56
C GLU A 429 10.81 -7.96 -5.17
N LEU A 430 11.01 -8.60 -4.03
CA LEU A 430 12.33 -8.90 -3.49
C LEU A 430 12.40 -10.36 -3.12
N LYS A 431 13.33 -11.06 -3.75
CA LYS A 431 13.79 -12.40 -3.30
C LYS A 431 15.17 -12.20 -2.70
N HIS A 432 15.42 -12.79 -1.51
CA HIS A 432 16.69 -12.52 -0.83
C HIS A 432 17.19 -13.75 -0.13
N SER A 433 18.50 -13.99 -0.25
CA SER A 433 19.31 -14.81 0.66
C SER A 433 20.09 -13.88 1.58
N LYS A 434 21.00 -14.42 2.38
CA LYS A 434 21.87 -13.59 3.25
C LYS A 434 22.82 -12.74 2.42
N THR A 435 23.09 -13.11 1.17
CA THR A 435 24.17 -12.48 0.37
C THR A 435 23.66 -11.94 -0.96
N GLU A 436 22.43 -12.28 -1.36
CA GLU A 436 22.02 -11.99 -2.75
C GLU A 436 20.57 -11.51 -2.77
N LEU A 437 20.31 -10.50 -3.61
CA LEU A 437 18.95 -9.95 -3.77
C LEU A 437 18.58 -10.05 -5.23
N ASN A 438 17.37 -10.50 -5.50
CA ASN A 438 16.78 -10.45 -6.87
C ASN A 438 15.58 -9.51 -6.74
N PHE A 439 15.62 -8.41 -7.48
CA PHE A 439 14.68 -7.27 -7.34
C PHE A 439 14.03 -7.03 -8.68
N LYS A 440 12.72 -6.81 -8.63
CA LYS A 440 11.99 -6.28 -9.80
C LYS A 440 11.11 -5.11 -9.38
N GLU A 441 10.94 -4.18 -10.31
CA GLU A 441 10.08 -3.01 -10.12
C GLU A 441 9.22 -2.83 -11.37
N TRP A 442 7.96 -2.46 -11.14
CA TRP A 442 7.01 -2.00 -12.18
C TRP A 442 6.53 -0.60 -11.75
N GLN A 443 6.38 0.34 -12.68
CA GLN A 443 6.05 1.74 -12.30
C GLN A 443 5.07 2.27 -13.30
N LYS A 444 4.21 3.16 -12.85
CA LYS A 444 3.28 3.87 -13.74
C LYS A 444 3.03 5.28 -13.17
N ALA A 445 3.26 6.29 -13.99
CA ALA A 445 3.06 7.71 -13.62
C ALA A 445 1.66 8.17 -14.12
N PHE A 446 0.96 8.93 -13.27
CA PHE A 446 -0.35 9.57 -13.58
C PHE A 446 -0.30 11.06 -13.25
N THR A 447 -0.93 11.89 -14.08
CA THR A 447 -1.17 13.33 -13.80
C THR A 447 -2.33 13.46 -12.80
#